data_2X30
#
_entry.id   2X30
#
_cell.length_a   63.600
_cell.length_b   63.600
_cell.length_c   102.900
_cell.angle_alpha   90.00
_cell.angle_beta   90.00
_cell.angle_gamma   120.00
#
_symmetry.space_group_name_H-M   'P 31 2 1'
#
loop_
_entity.id
_entity.type
_entity.pdbx_description
1 polymer 'PHOSPHORIBOSYL ISOMERASE A'
2 non-polymer 'SULFATE ION'
3 water water
#
_entity_poly.entity_id   1
_entity_poly.type   'polypeptide(L)'
_entity_poly.pdbx_seq_one_letter_code
;MSKLELLPAVDVRDGQAVRLVHGESGTETSYGSPLEAALAWQRSGAEWLHLVDLDAAFGTGDNRALIAEVAQAMDIKVEL
SGGIRDDDTLAAALATGCTRVNLGTAALETPEWVAKVIAEHGDKIAVGLDVRGTTLRGNGWTRDGGDLYETLDRLNKEGC
ARYVVTDIAKDGTLQGPNLELLKNVCAATDRPVVASGGVSSLDDLRAIAGLVPAGVEGAIVGKALYAKAFTLEEALEATS
;
_entity_poly.pdbx_strand_id   A
#
loop_
_chem_comp.id
_chem_comp.type
_chem_comp.name
_chem_comp.formula
SO4 non-polymer 'SULFATE ION' 'O4 S -2'
#
# COMPACT_ATOMS: atom_id res chain seq x y z
N MET A 1 8.44 -11.02 15.64
CA MET A 1 8.49 -10.97 17.13
C MET A 1 7.78 -9.69 17.63
N SER A 2 6.45 -9.78 17.71
CA SER A 2 5.57 -8.70 18.24
C SER A 2 5.65 -7.35 17.52
N LYS A 3 6.62 -7.19 16.63
CA LYS A 3 6.91 -5.90 16.01
C LYS A 3 6.16 -5.69 14.69
N LEU A 4 5.21 -4.77 14.71
CA LEU A 4 4.49 -4.33 13.52
C LEU A 4 5.34 -3.32 12.75
N GLU A 5 5.61 -3.59 11.46
CA GLU A 5 6.25 -2.61 10.61
C GLU A 5 5.30 -1.47 10.30
N LEU A 6 5.82 -0.25 10.34
CA LEU A 6 5.04 0.93 10.02
C LEU A 6 5.43 1.60 8.70
N LEU A 7 4.46 1.79 7.81
CA LEU A 7 4.71 2.42 6.51
C LEU A 7 3.88 3.71 6.33
N PRO A 8 4.42 4.88 6.75
CA PRO A 8 3.82 6.20 6.51
C PRO A 8 3.60 6.46 5.04
N ALA A 9 2.40 6.89 4.68
CA ALA A 9 1.98 7.01 3.30
C ALA A 9 2.17 8.43 2.76
N VAL A 10 2.70 8.53 1.54
CA VAL A 10 2.66 9.77 0.75
C VAL A 10 1.94 9.46 -0.55
N ASP A 11 0.69 9.93 -0.62
CA ASP A 11 -0.21 9.71 -1.75
C ASP A 11 -0.17 10.97 -2.60
N VAL A 12 0.18 10.81 -3.87
CA VAL A 12 0.47 11.97 -4.73
C VAL A 12 -0.63 12.23 -5.75
N ARG A 13 -1.18 13.44 -5.73
CA ARG A 13 -2.06 13.89 -6.82
C ARG A 13 -1.80 15.34 -7.25
N ASP A 14 -1.75 15.56 -8.56
CA ASP A 14 -1.49 16.90 -9.13
C ASP A 14 -0.25 17.53 -8.45
N GLY A 15 0.79 16.73 -8.23
CA GLY A 15 2.04 17.18 -7.65
C GLY A 15 2.01 17.48 -6.17
N GLN A 16 0.97 17.03 -5.47
CA GLN A 16 0.80 17.32 -4.04
C GLN A 16 0.62 16.04 -3.23
N ALA A 17 0.92 16.11 -1.94
CA ALA A 17 0.54 15.06 -1.01
C ALA A 17 -0.91 15.34 -0.65
N VAL A 18 -1.76 14.34 -0.80
CA VAL A 18 -3.20 14.51 -0.56
C VAL A 18 -3.80 13.45 0.37
N ARG A 19 -5.02 13.73 0.81
CA ARG A 19 -5.85 12.83 1.62
C ARG A 19 -6.84 12.15 0.68
N LEU A 20 -6.84 10.82 0.68
CA LEU A 20 -7.87 10.06 -0.06
C LEU A 20 -8.94 9.46 0.88
N VAL A 21 -9.95 10.27 1.22
CA VAL A 21 -11.13 9.82 1.98
C VAL A 21 -11.77 8.59 1.33
N HIS A 22 -11.79 7.46 2.07
CA HIS A 22 -12.31 6.17 1.59
C HIS A 22 -11.64 5.72 0.26
N GLY A 23 -12.16 4.66 -0.35
CA GLY A 23 -11.76 4.26 -1.71
C GLY A 23 -12.46 5.14 -2.74
N GLU A 24 -11.94 6.36 -2.92
CA GLU A 24 -12.64 7.45 -3.63
C GLU A 24 -11.66 8.43 -4.31
N SER A 25 -12.15 9.18 -5.30
CA SER A 25 -11.40 10.23 -6.00
C SER A 25 -12.07 11.59 -5.91
N GLY A 26 -11.27 12.64 -5.75
CA GLY A 26 -11.77 14.03 -5.75
C GLY A 26 -12.20 14.56 -4.38
N THR A 27 -11.96 13.74 -3.35
CA THR A 27 -12.21 14.10 -1.94
C THR A 27 -10.89 14.55 -1.29
N GLU A 28 -10.00 15.08 -2.12
CA GLU A 28 -8.61 15.32 -1.76
C GLU A 28 -8.38 16.65 -1.06
N THR A 29 -8.00 16.56 0.22
CA THR A 29 -7.36 17.64 0.93
C THR A 29 -5.88 17.55 0.59
N SER A 30 -5.26 18.70 0.34
CA SER A 30 -3.86 18.78 -0.04
C SER A 30 -2.99 19.05 1.17
N TYR A 31 -1.94 18.26 1.34
CA TYR A 31 -1.00 18.43 2.46
C TYR A 31 0.36 19.06 2.05
N GLY A 32 0.38 19.72 0.90
CA GLY A 32 1.57 20.39 0.39
C GLY A 32 2.49 19.45 -0.37
N SER A 33 3.79 19.73 -0.30
CA SER A 33 4.83 18.97 -1.03
C SER A 33 4.93 17.51 -0.59
N PRO A 34 4.88 16.56 -1.56
CA PRO A 34 5.17 15.14 -1.25
C PRO A 34 6.63 14.91 -0.81
N LEU A 35 7.59 15.62 -1.41
CA LEU A 35 8.99 15.47 -1.01
C LEU A 35 9.23 15.92 0.45
N GLU A 36 8.63 17.04 0.83
CA GLU A 36 8.78 17.53 2.21
C GLU A 36 8.10 16.60 3.21
N ALA A 37 6.95 16.03 2.81
CA ALA A 37 6.21 15.08 3.64
C ALA A 37 7.03 13.82 3.92
N ALA A 38 7.64 13.28 2.87
CA ALA A 38 8.46 12.08 2.94
C ALA A 38 9.74 12.30 3.77
N LEU A 39 10.33 13.50 3.63
CA LEU A 39 11.51 13.89 4.40
C LEU A 39 11.20 14.07 5.89
N ALA A 40 10.01 14.60 6.18
CA ALA A 40 9.45 14.64 7.54
C ALA A 40 9.31 13.26 8.18
N TRP A 41 8.78 12.29 7.43
CA TRP A 41 8.63 10.94 7.95
C TRP A 41 9.98 10.30 8.23
N GLN A 42 10.88 10.38 7.24
CA GLN A 42 12.25 9.91 7.38
C GLN A 42 12.96 10.55 8.58
N ARG A 43 12.90 11.87 8.65
CA ARG A 43 13.53 12.63 9.74
C ARG A 43 13.06 12.13 11.11
N SER A 44 11.78 11.75 11.17
CA SER A 44 11.14 11.28 12.40
C SER A 44 11.39 9.80 12.67
N GLY A 45 12.21 9.17 11.81
CA GLY A 45 12.69 7.82 12.07
C GLY A 45 11.81 6.75 11.49
N ALA A 46 11.11 7.05 10.39
CA ALA A 46 10.37 6.02 9.66
C ALA A 46 11.35 5.03 9.03
N GLU A 47 10.97 3.75 9.05
CA GLU A 47 11.73 2.68 8.42
C GLU A 47 11.30 2.54 6.96
N TRP A 48 10.05 2.90 6.71
CA TRP A 48 9.40 2.72 5.43
C TRP A 48 8.72 3.99 4.95
N LEU A 49 8.60 4.11 3.64
CA LEU A 49 7.75 5.10 3.01
C LEU A 49 6.86 4.38 2.02
N HIS A 50 5.55 4.54 2.18
CA HIS A 50 4.62 4.01 1.21
C HIS A 50 4.26 5.17 0.29
N LEU A 51 4.77 5.12 -0.95
CA LEU A 51 4.64 6.23 -1.91
C LEU A 51 3.71 5.90 -3.10
N VAL A 52 2.67 6.72 -3.32
CA VAL A 52 1.57 6.39 -4.24
C VAL A 52 1.26 7.46 -5.29
N ASP A 53 1.15 7.03 -6.54
CA ASP A 53 0.72 7.89 -7.63
C ASP A 53 -0.78 7.75 -7.82
N LEU A 54 -1.55 8.65 -7.23
CA LEU A 54 -3.00 8.57 -7.36
C LEU A 54 -3.49 8.87 -8.79
N ASP A 55 -2.78 9.78 -9.49
CA ASP A 55 -3.13 10.09 -10.90
C ASP A 55 -3.03 8.89 -11.83
N ALA A 56 -1.95 8.12 -11.68
CA ALA A 56 -1.78 6.88 -12.46
C ALA A 56 -2.81 5.85 -12.04
N ALA A 57 -3.10 5.79 -10.73
CA ALA A 57 -4.10 4.88 -10.19
C ALA A 57 -5.47 5.22 -10.76
N PHE A 58 -5.82 6.51 -10.82
CA PHE A 58 -7.15 6.92 -11.30
C PHE A 58 -7.26 7.23 -12.81
N GLY A 59 -6.14 7.16 -13.53
CA GLY A 59 -6.10 7.38 -14.97
C GLY A 59 -6.32 8.82 -15.34
N THR A 60 -5.87 9.73 -14.48
CA THR A 60 -5.84 11.15 -14.79
C THR A 60 -4.38 11.63 -14.87
N GLY A 61 -3.52 10.90 -15.58
CA GLY A 61 -2.16 11.37 -15.75
C GLY A 61 -1.18 10.59 -14.90
N ASP A 62 -0.16 11.28 -14.40
CA ASP A 62 0.86 10.66 -13.59
C ASP A 62 1.72 11.70 -12.87
N ASN A 63 2.46 11.24 -11.88
CA ASN A 63 3.49 12.01 -11.24
C ASN A 63 4.77 11.21 -11.23
N ARG A 64 5.09 10.57 -12.35
CA ARG A 64 6.22 9.62 -12.39
C ARG A 64 7.58 10.25 -12.08
N ALA A 65 7.86 11.45 -12.63
CA ALA A 65 9.14 12.09 -12.34
C ALA A 65 9.20 12.66 -10.93
N LEU A 66 8.09 13.14 -10.39
CA LEU A 66 8.04 13.59 -8.99
C LEU A 66 8.27 12.43 -8.00
N ILE A 67 7.57 11.31 -8.21
CA ILE A 67 7.67 10.11 -7.39
C ILE A 67 9.12 9.62 -7.42
N ALA A 68 9.75 9.71 -8.58
CA ALA A 68 11.13 9.32 -8.77
C ALA A 68 12.07 10.22 -7.99
N GLU A 69 11.77 11.51 -7.93
CA GLU A 69 12.56 12.46 -7.16
C GLU A 69 12.42 12.20 -5.65
N VAL A 70 11.20 11.99 -5.17
CA VAL A 70 11.00 11.59 -3.76
C VAL A 70 11.75 10.29 -3.43
N ALA A 71 11.51 9.23 -4.21
CA ALA A 71 12.26 7.99 -4.02
C ALA A 71 13.78 8.18 -3.94
N GLN A 72 14.37 9.00 -4.81
CA GLN A 72 15.81 9.26 -4.78
C GLN A 72 16.29 9.94 -3.47
N ALA A 73 15.43 10.78 -2.89
CA ALA A 73 15.76 11.50 -1.63
C ALA A 73 15.72 10.64 -0.33
N MET A 74 15.20 9.42 -0.43
CA MET A 74 15.03 8.52 0.72
C MET A 74 16.23 7.62 0.94
N ASP A 75 16.70 7.55 2.19
CA ASP A 75 17.71 6.59 2.63
C ASP A 75 17.08 5.32 3.21
N ILE A 76 15.75 5.29 3.24
CA ILE A 76 14.98 4.22 3.86
C ILE A 76 14.24 3.37 2.81
N LYS A 77 13.54 2.33 3.25
CA LYS A 77 12.81 1.42 2.38
C LYS A 77 11.59 2.13 1.77
N VAL A 78 11.36 1.88 0.49
CA VAL A 78 10.28 2.54 -0.23
C VAL A 78 9.41 1.48 -0.87
N GLU A 79 8.12 1.61 -0.64
CA GLU A 79 7.13 0.79 -1.31
C GLU A 79 6.35 1.72 -2.24
N LEU A 80 6.32 1.37 -3.51
CA LEU A 80 5.73 2.22 -4.51
C LEU A 80 4.48 1.56 -5.05
N SER A 81 3.48 2.40 -5.33
CA SER A 81 2.20 1.91 -5.79
C SER A 81 1.59 2.94 -6.72
N GLY A 82 0.68 2.50 -7.59
CA GLY A 82 -0.21 3.46 -8.25
C GLY A 82 -0.11 3.38 -9.76
N GLY A 83 -1.09 2.74 -10.38
CA GLY A 83 -1.14 2.57 -11.83
C GLY A 83 -0.11 1.63 -12.42
N ILE A 84 0.55 0.82 -11.59
CA ILE A 84 1.60 -0.08 -12.08
C ILE A 84 0.92 -1.28 -12.74
N ARG A 85 0.73 -1.18 -14.05
CA ARG A 85 -0.12 -2.09 -14.79
C ARG A 85 0.51 -2.69 -16.03
N ASP A 86 1.76 -2.33 -16.33
CA ASP A 86 2.43 -2.92 -17.50
C ASP A 86 3.94 -2.90 -17.36
N ASP A 87 4.65 -3.45 -18.35
CA ASP A 87 6.12 -3.56 -18.25
C ASP A 87 6.84 -2.22 -18.13
N ASP A 88 6.39 -1.20 -18.87
CA ASP A 88 7.10 0.06 -18.86
C ASP A 88 6.92 0.82 -17.55
N THR A 89 5.69 0.83 -17.02
CA THR A 89 5.44 1.42 -15.71
C THR A 89 6.15 0.63 -14.59
N LEU A 90 6.10 -0.70 -14.67
CA LEU A 90 6.87 -1.53 -13.73
C LEU A 90 8.38 -1.26 -13.79
N ALA A 91 8.94 -1.15 -15.00
CA ALA A 91 10.38 -0.92 -15.17
C ALA A 91 10.81 0.40 -14.54
N ALA A 92 10.03 1.45 -14.76
CA ALA A 92 10.36 2.77 -14.21
C ALA A 92 10.29 2.73 -12.68
N ALA A 93 9.22 2.10 -12.17
CA ALA A 93 9.06 1.94 -10.71
C ALA A 93 10.25 1.19 -10.08
N LEU A 94 10.62 0.03 -10.61
CA LEU A 94 11.77 -0.70 -10.06
C LEU A 94 13.09 0.04 -10.17
N ALA A 95 13.26 0.82 -11.23
CA ALA A 95 14.45 1.69 -11.42
C ALA A 95 14.62 2.77 -10.37
N THR A 96 13.57 3.12 -9.63
CA THR A 96 13.72 4.02 -8.47
C THR A 96 14.63 3.42 -7.41
N GLY A 97 14.88 2.12 -7.52
CA GLY A 97 15.61 1.38 -6.47
C GLY A 97 14.71 1.03 -5.29
N CYS A 98 13.39 1.14 -5.46
CA CYS A 98 12.43 0.89 -4.36
C CYS A 98 12.52 -0.56 -3.87
N THR A 99 12.11 -0.80 -2.62
CA THR A 99 12.21 -2.14 -2.00
C THR A 99 11.14 -3.07 -2.60
N ARG A 100 9.95 -2.54 -2.83
CA ARG A 100 8.90 -3.29 -3.50
C ARG A 100 7.87 -2.37 -4.11
N VAL A 101 7.08 -2.91 -5.02
CA VAL A 101 5.91 -2.22 -5.56
C VAL A 101 4.62 -2.96 -5.19
N ASN A 102 3.48 -2.27 -5.32
CA ASN A 102 2.17 -2.91 -5.18
C ASN A 102 1.49 -2.88 -6.54
N LEU A 103 1.00 -4.04 -6.96
CA LEU A 103 0.12 -4.19 -8.10
C LEU A 103 -1.28 -4.44 -7.55
N GLY A 104 -2.31 -3.84 -8.15
CA GLY A 104 -3.64 -3.95 -7.60
C GLY A 104 -4.62 -4.28 -8.69
N THR A 105 -5.05 -3.26 -9.40
CA THR A 105 -5.85 -3.43 -10.63
C THR A 105 -5.29 -4.47 -11.60
N ALA A 106 -3.97 -4.44 -11.83
CA ALA A 106 -3.31 -5.45 -12.71
C ALA A 106 -3.60 -6.88 -12.33
N ALA A 107 -3.72 -7.17 -11.03
CA ALA A 107 -4.03 -8.55 -10.54
C ALA A 107 -5.42 -9.00 -10.96
N LEU A 108 -6.35 -8.06 -11.04
CA LEU A 108 -7.72 -8.33 -11.49
C LEU A 108 -7.85 -8.30 -13.00
N GLU A 109 -7.11 -7.38 -13.67
CA GLU A 109 -7.26 -7.18 -15.10
C GLU A 109 -6.38 -8.07 -15.96
N THR A 110 -5.12 -8.28 -15.55
CA THR A 110 -4.19 -9.12 -16.31
C THR A 110 -3.50 -10.08 -15.36
N PRO A 111 -4.23 -11.12 -14.93
CA PRO A 111 -3.69 -12.07 -13.95
C PRO A 111 -2.38 -12.70 -14.46
N GLU A 112 -2.29 -12.93 -15.77
CA GLU A 112 -1.12 -13.58 -16.39
C GLU A 112 0.14 -12.72 -16.33
N TRP A 113 -0.05 -11.39 -16.45
CA TRP A 113 1.05 -10.44 -16.38
C TRP A 113 1.56 -10.37 -14.94
N VAL A 114 0.64 -10.29 -13.98
CA VAL A 114 1.01 -10.38 -12.56
C VAL A 114 1.73 -11.68 -12.28
N ALA A 115 1.21 -12.82 -12.79
CA ALA A 115 1.88 -14.10 -12.61
C ALA A 115 3.34 -13.99 -13.11
N LYS A 116 3.51 -13.43 -14.30
CA LYS A 116 4.82 -13.34 -14.95
C LYS A 116 5.78 -12.48 -14.13
N VAL A 117 5.32 -11.30 -13.71
CA VAL A 117 6.17 -10.37 -12.95
C VAL A 117 6.53 -10.85 -11.54
N ILE A 118 5.62 -11.57 -10.86
CA ILE A 118 5.95 -12.24 -9.59
C ILE A 118 7.08 -13.24 -9.83
N ALA A 119 6.97 -14.03 -10.90
CA ALA A 119 8.00 -15.00 -11.23
C ALA A 119 9.34 -14.31 -11.44
N GLU A 120 9.34 -13.17 -12.14
CA GLU A 120 10.58 -12.48 -12.48
C GLU A 120 11.21 -11.70 -11.33
N HIS A 121 10.39 -11.09 -10.48
CA HIS A 121 10.88 -10.13 -9.49
C HIS A 121 10.73 -10.52 -8.02
N GLY A 122 10.04 -11.62 -7.73
CA GLY A 122 9.98 -12.15 -6.36
C GLY A 122 9.35 -11.15 -5.40
N ASP A 123 9.98 -10.92 -4.25
CA ASP A 123 9.35 -10.09 -3.25
C ASP A 123 9.57 -8.56 -3.41
N LYS A 124 10.07 -8.17 -4.59
CA LYS A 124 9.87 -6.80 -5.07
C LYS A 124 8.40 -6.55 -5.43
N ILE A 125 7.63 -7.63 -5.56
CA ILE A 125 6.21 -7.55 -5.90
C ILE A 125 5.30 -7.95 -4.71
N ALA A 126 4.42 -7.03 -4.33
CA ALA A 126 3.27 -7.31 -3.49
C ALA A 126 1.98 -6.95 -4.25
N VAL A 127 0.88 -7.61 -3.88
CA VAL A 127 -0.40 -7.39 -4.53
C VAL A 127 -1.39 -6.80 -3.53
N GLY A 128 -2.04 -5.72 -3.93
CA GLY A 128 -3.06 -5.09 -3.10
C GLY A 128 -4.42 -5.69 -3.36
N LEU A 129 -5.14 -5.97 -2.29
CA LEU A 129 -6.52 -6.42 -2.37
C LEU A 129 -7.42 -5.36 -1.76
N ASP A 130 -8.37 -4.87 -2.56
CA ASP A 130 -9.36 -3.91 -2.12
C ASP A 130 -10.69 -4.64 -2.01
N VAL A 131 -11.06 -4.97 -0.78
CA VAL A 131 -12.11 -5.94 -0.50
C VAL A 131 -13.43 -5.27 -0.07
N ARG A 132 -14.49 -5.61 -0.78
CA ARG A 132 -15.84 -5.22 -0.41
C ARG A 132 -16.57 -6.53 -0.11
N GLY A 133 -16.59 -6.90 1.17
CA GLY A 133 -17.12 -8.20 1.60
C GLY A 133 -16.21 -9.33 1.20
N THR A 134 -16.62 -10.10 0.18
CA THR A 134 -15.74 -11.10 -0.42
C THR A 134 -15.35 -10.77 -1.87
N THR A 135 -15.71 -9.57 -2.32
CA THR A 135 -15.49 -9.15 -3.70
C THR A 135 -14.35 -8.15 -3.78
N LEU A 136 -13.53 -8.31 -4.81
CA LEU A 136 -12.38 -7.45 -5.03
C LEU A 136 -12.69 -6.38 -6.05
N ARG A 137 -12.10 -5.20 -5.85
CA ARG A 137 -12.32 -4.04 -6.69
C ARG A 137 -11.01 -3.43 -7.18
N GLY A 138 -11.06 -2.79 -8.35
CA GLY A 138 -9.90 -2.13 -8.94
C GLY A 138 -10.23 -0.73 -9.44
N ASN A 139 -9.22 -0.06 -9.98
CA ASN A 139 -9.33 1.34 -10.45
C ASN A 139 -9.51 1.47 -11.95
N GLY A 140 -9.72 0.36 -12.64
CA GLY A 140 -9.91 0.37 -14.08
C GLY A 140 -11.06 1.25 -14.52
N TRP A 141 -10.95 1.80 -15.73
CA TRP A 141 -12.03 2.58 -16.35
C TRP A 141 -13.23 1.70 -16.65
N THR A 142 -13.13 0.43 -16.29
CA THR A 142 -14.22 -0.53 -16.39
C THR A 142 -14.28 -1.27 -15.05
N ARG A 143 -15.36 -1.08 -14.29
CA ARG A 143 -15.45 -1.66 -12.94
C ARG A 143 -15.18 -3.19 -12.95
N ASP A 144 -13.97 -3.54 -12.51
CA ASP A 144 -13.52 -4.93 -12.45
C ASP A 144 -14.03 -5.60 -11.19
N GLY A 145 -13.67 -6.86 -11.02
CA GLY A 145 -13.98 -7.62 -9.83
C GLY A 145 -13.21 -8.91 -9.71
N GLY A 146 -13.56 -9.68 -8.70
CA GLY A 146 -12.96 -10.99 -8.46
C GLY A 146 -13.43 -11.45 -7.08
N ASP A 147 -13.42 -12.76 -6.88
CA ASP A 147 -13.65 -13.34 -5.55
C ASP A 147 -12.37 -13.32 -4.72
N LEU A 148 -12.50 -12.88 -3.47
CA LEU A 148 -11.35 -12.78 -2.57
C LEU A 148 -10.56 -14.09 -2.45
N TYR A 149 -11.28 -15.18 -2.15
CA TYR A 149 -10.65 -16.46 -1.90
C TYR A 149 -10.11 -17.11 -3.15
N GLU A 150 -10.83 -17.00 -4.27
CA GLU A 150 -10.29 -17.48 -5.56
C GLU A 150 -8.99 -16.73 -5.92
N THR A 151 -8.98 -15.41 -5.71
CA THR A 151 -7.81 -14.60 -6.06
C THR A 151 -6.62 -14.89 -5.16
N LEU A 152 -6.88 -15.09 -3.87
CA LEU A 152 -5.82 -15.43 -2.92
C LEU A 152 -5.23 -16.76 -3.28
N ASP A 153 -6.09 -17.72 -3.61
CA ASP A 153 -5.60 -19.02 -4.02
C ASP A 153 -4.65 -18.95 -5.21
N ARG A 154 -5.08 -18.24 -6.25
CA ARG A 154 -4.32 -18.10 -7.50
C ARG A 154 -2.98 -17.43 -7.25
N LEU A 155 -3.02 -16.32 -6.51
CA LEU A 155 -1.81 -15.61 -6.15
C LEU A 155 -0.90 -16.41 -5.19
N ASN A 156 -1.48 -17.07 -4.17
CA ASN A 156 -0.72 -18.00 -3.36
C ASN A 156 0.08 -18.95 -4.25
N LYS A 157 -0.62 -19.66 -5.13
CA LYS A 157 0.01 -20.67 -5.97
C LYS A 157 0.93 -20.06 -7.03
N GLU A 158 0.76 -18.77 -7.30
CA GLU A 158 1.69 -18.08 -8.20
C GLU A 158 2.99 -17.65 -7.52
N GLY A 159 3.08 -17.86 -6.21
CA GLY A 159 4.29 -17.58 -5.45
C GLY A 159 4.25 -16.14 -5.00
N CYS A 160 3.07 -15.53 -5.01
CA CYS A 160 2.96 -14.13 -4.61
C CYS A 160 3.47 -13.97 -3.18
N ALA A 161 4.27 -12.94 -2.94
CA ALA A 161 5.07 -12.87 -1.70
C ALA A 161 4.43 -12.11 -0.52
N ARG A 162 3.43 -11.31 -0.82
CA ARG A 162 2.92 -10.38 0.16
C ARG A 162 1.64 -9.78 -0.37
N TYR A 163 0.69 -9.56 0.52
CA TYR A 163 -0.56 -8.86 0.21
C TYR A 163 -0.68 -7.58 0.99
N VAL A 164 -1.26 -6.57 0.36
CA VAL A 164 -1.66 -5.35 1.04
C VAL A 164 -3.18 -5.36 1.03
N VAL A 165 -3.78 -5.35 2.23
CA VAL A 165 -5.22 -5.56 2.34
C VAL A 165 -5.93 -4.28 2.77
N THR A 166 -6.94 -3.87 2.00
CA THR A 166 -7.73 -2.65 2.26
C THR A 166 -9.22 -3.01 2.37
N ASP A 167 -9.91 -2.47 3.37
CA ASP A 167 -11.36 -2.57 3.42
C ASP A 167 -11.95 -1.49 2.54
N ILE A 168 -12.69 -1.90 1.52
CA ILE A 168 -13.34 -0.99 0.57
C ILE A 168 -14.87 -0.83 0.75
N ALA A 169 -15.42 -1.48 1.76
CA ALA A 169 -16.83 -1.32 2.09
C ALA A 169 -17.09 -0.01 2.80
N PRO A 177 -9.85 -0.02 11.84
CA PRO A 177 -9.37 -1.08 10.96
C PRO A 177 -10.36 -2.23 10.94
N ASN A 178 -10.48 -2.94 9.82
CA ASN A 178 -11.33 -4.13 9.79
C ASN A 178 -10.48 -5.33 10.18
N LEU A 179 -10.34 -5.54 11.49
CA LEU A 179 -9.49 -6.60 12.02
C LEU A 179 -10.02 -7.99 11.64
N GLU A 180 -11.34 -8.10 11.47
CA GLU A 180 -11.93 -9.37 11.00
C GLU A 180 -11.43 -9.71 9.60
N LEU A 181 -11.52 -8.74 8.68
CA LEU A 181 -11.00 -8.93 7.33
C LEU A 181 -9.51 -9.31 7.33
N LEU A 182 -8.69 -8.62 8.10
CA LEU A 182 -7.25 -8.93 8.20
C LEU A 182 -6.98 -10.39 8.64
N LYS A 183 -7.70 -10.81 9.68
CA LYS A 183 -7.56 -12.17 10.23
C LYS A 183 -8.06 -13.20 9.20
N ASN A 184 -9.13 -12.86 8.49
CA ASN A 184 -9.69 -13.71 7.44
C ASN A 184 -8.72 -13.91 6.28
N VAL A 185 -7.96 -12.86 5.95
CA VAL A 185 -6.95 -12.98 4.90
C VAL A 185 -5.74 -13.76 5.44
N CYS A 186 -5.32 -13.46 6.67
CA CYS A 186 -4.31 -14.29 7.35
C CYS A 186 -4.63 -15.79 7.36
N ALA A 187 -5.90 -16.14 7.49
CA ALA A 187 -6.31 -17.54 7.44
C ALA A 187 -6.11 -18.18 6.09
N ALA A 188 -6.16 -17.38 5.02
CA ALA A 188 -6.17 -17.92 3.68
C ALA A 188 -4.78 -18.00 3.01
N THR A 189 -3.72 -17.66 3.76
CA THR A 189 -2.36 -17.58 3.17
C THR A 189 -1.25 -17.69 4.20
N ASP A 190 -0.11 -18.24 3.78
CA ASP A 190 1.10 -18.24 4.61
C ASP A 190 2.05 -17.07 4.27
N ARG A 191 1.57 -16.10 3.50
CA ARG A 191 2.40 -14.96 3.04
C ARG A 191 2.04 -13.74 3.87
N PRO A 192 3.03 -12.86 4.16
CA PRO A 192 2.73 -11.67 4.99
C PRO A 192 1.61 -10.79 4.44
N VAL A 193 0.85 -10.19 5.35
CA VAL A 193 -0.26 -9.31 5.01
C VAL A 193 0.04 -7.93 5.63
N VAL A 194 -0.03 -6.90 4.81
CA VAL A 194 0.15 -5.52 5.25
C VAL A 194 -1.23 -4.90 5.32
N ALA A 195 -1.56 -4.29 6.46
CA ALA A 195 -2.83 -3.60 6.63
C ALA A 195 -2.79 -2.19 6.03
N SER A 196 -3.82 -1.84 5.27
CA SER A 196 -3.89 -0.49 4.74
C SER A 196 -5.21 0.18 5.04
N GLY A 197 -5.13 1.33 5.68
CA GLY A 197 -6.30 2.15 5.93
C GLY A 197 -6.97 1.89 7.24
N GLY A 198 -7.69 2.88 7.74
CA GLY A 198 -8.51 2.73 8.94
C GLY A 198 -7.87 3.15 10.25
N VAL A 199 -6.54 3.37 10.24
CA VAL A 199 -5.82 3.77 11.44
C VAL A 199 -6.07 5.25 11.74
N SER A 200 -6.74 5.54 12.85
CA SER A 200 -6.95 6.94 13.22
C SER A 200 -6.56 7.22 14.67
N SER A 201 -6.02 6.21 15.33
CA SER A 201 -5.58 6.34 16.72
C SER A 201 -4.47 5.33 16.98
N LEU A 202 -3.77 5.51 18.09
CA LEU A 202 -2.79 4.53 18.52
C LEU A 202 -3.47 3.25 18.99
N ASP A 203 -4.74 3.35 19.41
CA ASP A 203 -5.57 2.18 19.79
C ASP A 203 -5.63 1.22 18.60
N ASP A 204 -5.87 1.80 17.42
CA ASP A 204 -5.99 1.04 16.19
C ASP A 204 -4.72 0.30 15.81
N LEU A 205 -3.57 0.93 16.07
CA LEU A 205 -2.27 0.32 15.77
C LEU A 205 -1.96 -0.91 16.64
N ARG A 206 -2.24 -0.80 17.93
CA ARG A 206 -2.07 -1.91 18.89
C ARG A 206 -3.03 -3.05 18.57
N ALA A 207 -4.27 -2.69 18.25
CA ALA A 207 -5.24 -3.64 17.72
C ALA A 207 -4.69 -4.40 16.49
N ILE A 208 -4.12 -3.68 15.53
CA ILE A 208 -3.49 -4.34 14.37
C ILE A 208 -2.24 -5.17 14.75
N ALA A 209 -1.36 -4.61 15.59
CA ALA A 209 -0.17 -5.31 16.09
C ALA A 209 -0.48 -6.62 16.82
N GLY A 210 -1.69 -6.72 17.38
CA GLY A 210 -2.14 -7.95 18.02
C GLY A 210 -2.29 -9.09 17.02
N LEU A 211 -2.45 -8.73 15.75
CA LEU A 211 -2.60 -9.71 14.67
C LEU A 211 -1.27 -10.13 14.03
N VAL A 212 -0.16 -9.59 14.52
CA VAL A 212 1.16 -9.98 14.01
C VAL A 212 1.37 -11.51 14.06
N PRO A 213 1.07 -12.18 15.21
CA PRO A 213 1.24 -13.65 15.18
C PRO A 213 0.35 -14.38 14.16
N ALA A 214 -0.78 -13.77 13.78
CA ALA A 214 -1.65 -14.38 12.77
C ALA A 214 -1.05 -14.24 11.36
N GLY A 215 -0.09 -13.34 11.21
CA GLY A 215 0.57 -13.11 9.91
C GLY A 215 0.43 -11.73 9.31
N VAL A 216 0.03 -10.75 10.14
CA VAL A 216 0.08 -9.35 9.76
C VAL A 216 1.48 -8.81 10.03
N GLU A 217 2.10 -8.25 8.99
CA GLU A 217 3.50 -7.88 9.04
C GLU A 217 3.67 -6.39 9.31
N GLY A 218 2.73 -5.59 8.81
CA GLY A 218 2.79 -4.15 8.94
C GLY A 218 1.51 -3.42 8.62
N ALA A 219 1.54 -2.10 8.81
CA ALA A 219 0.39 -1.26 8.63
C ALA A 219 0.78 0.04 7.94
N ILE A 220 0.08 0.37 6.86
CA ILE A 220 0.26 1.62 6.15
C ILE A 220 -0.57 2.69 6.86
N VAL A 221 0.08 3.79 7.20
CA VAL A 221 -0.58 4.85 7.92
C VAL A 221 -0.44 6.16 7.14
N GLY A 222 -1.57 6.82 6.93
CA GLY A 222 -1.58 8.09 6.22
C GLY A 222 -2.30 9.18 6.98
N LYS A 223 -3.62 9.22 6.80
CA LYS A 223 -4.48 10.29 7.32
C LYS A 223 -4.09 10.80 8.70
N ALA A 224 -3.90 9.88 9.66
CA ALA A 224 -3.65 10.21 11.07
C ALA A 224 -2.38 11.03 11.30
N LEU A 225 -1.31 10.66 10.59
CA LEU A 225 -0.02 11.34 10.69
C LEU A 225 -0.11 12.77 10.15
N TYR A 226 -0.83 12.95 9.05
CA TYR A 226 -1.06 14.30 8.47
C TYR A 226 -1.97 15.21 9.31
N ALA A 227 -2.99 14.62 9.94
CA ALA A 227 -3.94 15.38 10.77
C ALA A 227 -3.46 15.53 12.21
N LYS A 228 -2.25 15.03 12.48
CA LYS A 228 -1.64 15.07 13.82
C LYS A 228 -2.50 14.43 14.93
N ALA A 229 -3.01 13.24 14.62
CA ALA A 229 -3.68 12.35 15.57
C ALA A 229 -2.65 11.81 16.57
N PHE A 230 -1.49 11.42 16.07
CA PHE A 230 -0.31 11.10 16.87
C PHE A 230 0.95 11.55 16.12
N THR A 231 2.09 11.60 16.82
CA THR A 231 3.37 11.81 16.13
C THR A 231 3.83 10.45 15.58
N LEU A 232 4.80 10.47 14.67
CA LEU A 232 5.36 9.22 14.13
C LEU A 232 6.19 8.50 15.18
N GLU A 233 6.88 9.28 16.01
CA GLU A 233 7.69 8.77 17.12
C GLU A 233 6.81 7.98 18.11
N GLU A 234 5.64 8.53 18.41
CA GLU A 234 4.62 7.86 19.23
C GLU A 234 4.12 6.58 18.57
N ALA A 235 3.97 6.59 17.25
CA ALA A 235 3.56 5.41 16.48
C ALA A 235 4.64 4.32 16.53
N LEU A 236 5.89 4.70 16.28
CA LEU A 236 7.03 3.78 16.41
C LEU A 236 7.15 3.11 17.79
N GLU A 237 6.86 3.87 18.86
CA GLU A 237 6.79 3.33 20.23
C GLU A 237 5.72 2.25 20.37
N ALA A 238 4.50 2.59 19.95
CA ALA A 238 3.30 1.76 20.11
C ALA A 238 3.30 0.45 19.33
N THR A 239 4.13 0.35 18.29
CA THR A 239 4.13 -0.83 17.41
C THR A 239 5.21 -1.85 17.77
N SER A 240 5.99 -1.49 18.79
CA SER A 240 6.95 -2.35 19.52
C SER A 240 8.31 -1.65 19.65
S SO4 B . -3.57 0.39 -9.29
O1 SO4 B . -2.94 0.10 -10.57
O2 SO4 B . -4.99 0.54 -9.53
O3 SO4 B . -3.21 -0.71 -8.41
O4 SO4 B . -3.07 1.58 -8.63
S SO4 C . -5.29 5.94 5.89
O1 SO4 C . -4.85 5.03 4.82
O2 SO4 C . -6.64 5.56 6.30
O3 SO4 C . -4.32 5.83 6.99
O4 SO4 C . -5.31 7.30 5.36
#